data_3DBX
#
_entry.id   3DBX
#
_cell.length_a   92.154
_cell.length_b   92.154
_cell.length_c   96.693
_cell.angle_alpha   90.00
_cell.angle_beta   90.00
_cell.angle_gamma   90.00
#
_symmetry.space_group_name_H-M   'P 41 21 2'
#
loop_
_entity.id
_entity.type
_entity.pdbx_description
1 polymer 'CD1-2 antigen'
2 polymer Beta-2-microglobulin
3 non-polymer 2-acetamido-2-deoxy-beta-D-glucopyranose
4 non-polymer 'PALMITIC ACID'
5 water water
#
loop_
_entity_poly.entity_id
_entity_poly.type
_entity_poly.pdbx_seq_one_letter_code
_entity_poly.pdbx_strand_id
1 'polypeptide(L)'
;ETSCPPPEESQFFQLFYTLLLGNVSSTELTGMALLADVPIMVLDPHTWNLNICRPWVQEITAETEVKKILSFSMVGIRNT
IRFMHEMTAKAGLDYPRVFQIHTGCKLYTNGTRWSFVNIGEGGRDLVTYELSRERWVPQRSTLLAKVMSNTLTDLRAVSG
FLEHIFSSSFPNYILMLHEEGRTDLERRVPPMAVVFARTAGQVQLLLVCRVTSFYPRPIAVTWLRDGREVPPSPALSTGT
VLPNADLTYQLRSTLLVSPQDGHGYACRVQHCSLGDRSLLVPWHHHHHH
;
A
2 'polypeptide(L)'
;IQRTPKIQVYSRHPAENGKSNFLNCYVSGFHPSDIEVDLLKNGERIEKVEHSDLSFSKDWSFYLLYYTEFTPTEKDEYAC
RVNHVTLSQPKIVKWDRDM
;
B
#
# COMPACT_ATOMS: atom_id res chain seq x y z
N PRO A 7 8.73 -1.70 -16.69
CA PRO A 7 10.16 -2.01 -16.60
C PRO A 7 10.46 -3.30 -15.78
N GLU A 8 10.93 -3.13 -14.55
CA GLU A 8 11.35 -4.24 -13.68
C GLU A 8 10.67 -4.19 -12.31
N GLU A 9 9.63 -3.34 -12.20
CA GLU A 9 8.68 -3.42 -11.10
C GLU A 9 7.93 -4.72 -11.25
N SER A 10 7.86 -5.20 -12.50
CA SER A 10 7.10 -6.40 -12.82
C SER A 10 7.78 -7.69 -12.38
N GLN A 11 9.07 -7.61 -12.07
CA GLN A 11 9.83 -8.74 -11.52
C GLN A 11 10.26 -8.51 -10.07
N PHE A 12 9.36 -7.88 -9.30
CA PHE A 12 9.56 -7.60 -7.89
C PHE A 12 8.46 -8.30 -7.11
N PHE A 13 8.86 -9.38 -6.44
CA PHE A 13 7.98 -10.19 -5.61
C PHE A 13 8.13 -9.83 -4.14
N GLN A 14 7.01 -9.53 -3.47
CA GLN A 14 7.01 -9.14 -2.06
C GLN A 14 5.96 -9.88 -1.27
N LEU A 15 6.28 -10.11 0.01
CA LEU A 15 5.41 -10.77 0.96
C LEU A 15 5.31 -9.87 2.19
N PHE A 16 4.09 -9.66 2.65
CA PHE A 16 3.80 -8.85 3.84
C PHE A 16 2.96 -9.70 4.81
N TYR A 17 3.43 -9.94 6.02
CA TYR A 17 2.68 -10.77 6.99
C TYR A 17 2.56 -10.03 8.31
N THR A 18 1.38 -10.08 8.91
CA THR A 18 1.08 -9.49 10.24
C THR A 18 0.51 -10.60 11.14
N LEU A 19 1.19 -10.78 12.26
CA LEU A 19 0.83 -11.77 13.24
C LEU A 19 0.44 -10.99 14.49
N LEU A 20 -0.86 -10.87 14.74
CA LEU A 20 -1.39 -10.19 15.91
C LEU A 20 -1.70 -11.23 16.97
N LEU A 21 -0.85 -11.22 17.99
CA LEU A 21 -0.90 -12.18 19.03
C LEU A 21 -1.71 -11.60 20.20
N GLY A 22 -3.03 -11.80 20.13
CA GLY A 22 -4.00 -11.31 21.12
C GLY A 22 -3.76 -11.74 22.54
N ASN A 23 -4.03 -13.01 22.84
CA ASN A 23 -3.67 -13.65 24.11
C ASN A 23 -2.91 -14.94 23.83
N VAL A 24 -2.70 -15.76 24.85
CA VAL A 24 -1.96 -17.01 24.67
C VAL A 24 -2.60 -17.94 23.59
N SER A 25 -3.92 -18.06 23.62
CA SER A 25 -4.69 -18.89 22.69
C SER A 25 -5.16 -18.21 21.40
N SER A 26 -4.69 -16.98 21.16
CA SER A 26 -5.20 -16.23 20.01
C SER A 26 -4.13 -15.64 19.07
N THR A 27 -4.24 -16.02 17.80
CA THR A 27 -3.51 -15.39 16.73
C THR A 27 -4.50 -14.95 15.69
N GLU A 28 -4.33 -13.73 15.20
CA GLU A 28 -5.05 -13.26 14.05
C GLU A 28 -4.02 -13.01 12.97
N LEU A 29 -4.25 -13.55 11.78
CA LEU A 29 -3.25 -13.35 10.74
C LEU A 29 -3.76 -12.56 9.57
N THR A 30 -2.87 -11.78 8.97
CA THR A 30 -3.09 -11.27 7.61
C THR A 30 -1.79 -11.46 6.85
N GLY A 31 -1.90 -11.62 5.55
CA GLY A 31 -0.70 -11.69 4.72
C GLY A 31 -1.05 -11.59 3.25
N MET A 32 -0.13 -11.00 2.51
CA MET A 32 -0.31 -10.79 1.06
C MET A 32 0.97 -11.04 0.31
N ALA A 33 0.87 -11.63 -0.88
CA ALA A 33 1.98 -11.69 -1.81
C ALA A 33 1.67 -10.84 -3.02
N LEU A 34 2.67 -10.07 -3.47
CA LEU A 34 2.51 -9.11 -4.59
C LEU A 34 3.58 -9.34 -5.63
N LEU A 35 3.20 -9.23 -6.91
CA LEU A 35 4.16 -9.05 -7.99
C LEU A 35 3.82 -7.68 -8.56
N ALA A 36 4.80 -6.77 -8.65
CA ALA A 36 4.55 -5.34 -8.83
C ALA A 36 3.52 -4.85 -7.78
N ASP A 37 2.40 -4.26 -8.21
CA ASP A 37 1.31 -3.90 -7.27
C ASP A 37 0.11 -4.84 -7.40
N VAL A 38 0.31 -5.99 -8.03
CA VAL A 38 -0.79 -6.91 -8.28
C VAL A 38 -0.73 -7.94 -7.17
N PRO A 39 -1.79 -8.03 -6.35
CA PRO A 39 -1.95 -9.06 -5.34
C PRO A 39 -2.06 -10.43 -6.01
N ILE A 40 -1.18 -11.36 -5.65
CA ILE A 40 -1.11 -12.70 -6.28
C ILE A 40 -1.83 -13.70 -5.38
N MET A 41 -1.60 -13.56 -4.07
CA MET A 41 -2.10 -14.48 -3.05
C MET A 41 -2.44 -13.66 -1.83
N VAL A 42 -3.50 -14.04 -1.14
CA VAL A 42 -3.82 -13.38 0.11
C VAL A 42 -4.11 -14.48 1.14
N LEU A 43 -3.58 -14.32 2.33
CA LEU A 43 -3.81 -15.32 3.36
C LEU A 43 -5.24 -15.15 3.87
N ASP A 44 -6.02 -16.22 3.95
CA ASP A 44 -7.36 -16.09 4.56
C ASP A 44 -7.23 -16.16 6.07
N PRO A 45 -7.67 -15.09 6.78
CA PRO A 45 -7.50 -14.99 8.23
C PRO A 45 -8.18 -16.11 9.01
N HIS A 46 -9.26 -16.66 8.44
CA HIS A 46 -10.09 -17.63 9.12
C HIS A 46 -9.56 -19.05 8.98
N THR A 47 -8.95 -19.36 7.83
CA THR A 47 -8.54 -20.72 7.49
C THR A 47 -7.02 -20.91 7.41
N TRP A 48 -6.31 -19.78 7.27
CA TRP A 48 -4.84 -19.72 7.04
C TRP A 48 -4.35 -20.37 5.76
N ASN A 49 -5.27 -20.60 4.82
CA ASN A 49 -4.87 -21.05 3.52
C ASN A 49 -4.57 -19.83 2.62
N LEU A 50 -3.74 -20.02 1.60
CA LEU A 50 -3.41 -18.97 0.65
C LEU A 50 -4.45 -18.93 -0.46
N ASN A 51 -5.31 -17.90 -0.43
CA ASN A 51 -6.22 -17.62 -1.53
C ASN A 51 -5.41 -17.12 -2.73
N ILE A 52 -5.69 -17.65 -3.91
CA ILE A 52 -5.15 -17.12 -5.16
C ILE A 52 -6.09 -16.08 -5.79
N CYS A 53 -5.54 -14.89 -6.12
CA CYS A 53 -6.34 -13.71 -6.44
C CYS A 53 -6.61 -13.53 -7.93
N ARG A 54 -5.86 -14.20 -8.77
CA ARG A 54 -5.97 -14.00 -10.22
C ARG A 54 -6.15 -15.32 -10.93
N PRO A 55 -7.00 -15.35 -12.01
CA PRO A 55 -7.25 -16.59 -12.74
C PRO A 55 -6.02 -17.16 -13.46
N TRP A 56 -5.04 -16.31 -13.77
CA TRP A 56 -3.76 -16.73 -14.37
C TRP A 56 -2.71 -17.24 -13.35
N VAL A 57 -2.98 -17.10 -12.05
CA VAL A 57 -2.03 -17.47 -10.97
C VAL A 57 -2.00 -18.98 -10.53
N GLN A 58 -3.12 -19.68 -10.71
CA GLN A 58 -3.40 -20.95 -9.98
C GLN A 58 -2.55 -22.17 -10.37
N GLU A 59 -2.76 -22.66 -11.60
CA GLU A 59 -2.14 -23.91 -12.08
C GLU A 59 -0.69 -23.71 -12.56
N ILE A 60 0.02 -22.80 -11.90
CA ILE A 60 1.40 -22.49 -12.27
C ILE A 60 2.32 -22.87 -11.12
N THR A 61 2.11 -22.29 -9.94
CA THR A 61 2.79 -22.80 -8.74
C THR A 61 1.87 -22.85 -7.52
N ALA A 62 1.38 -24.03 -7.10
CA ALA A 62 1.50 -25.38 -7.75
C ALA A 62 2.88 -26.05 -7.89
N GLU A 63 3.50 -25.85 -9.06
CA GLU A 63 4.68 -26.58 -9.51
C GLU A 63 5.96 -26.33 -8.70
N THR A 64 6.15 -25.09 -8.25
CA THR A 64 7.31 -24.74 -7.43
C THR A 64 7.00 -24.87 -5.95
N GLU A 65 5.74 -25.17 -5.64
CA GLU A 65 5.22 -25.29 -4.26
C GLU A 65 5.63 -24.13 -3.35
N VAL A 66 5.57 -22.92 -3.88
CA VAL A 66 5.75 -21.71 -3.08
C VAL A 66 4.67 -21.66 -1.99
N LYS A 67 3.49 -22.18 -2.33
CA LYS A 67 2.35 -22.25 -1.44
C LYS A 67 2.63 -23.23 -0.29
N LYS A 68 3.45 -24.25 -0.55
CA LYS A 68 3.88 -25.18 0.51
C LYS A 68 4.97 -24.57 1.41
N ILE A 69 5.91 -23.84 0.79
CA ILE A 69 6.99 -23.12 1.48
C ILE A 69 6.43 -22.14 2.50
N LEU A 70 5.41 -21.38 2.08
CA LEU A 70 4.86 -20.30 2.86
C LEU A 70 4.02 -20.78 4.05
N SER A 71 3.49 -21.99 3.94
CA SER A 71 2.53 -22.52 4.90
C SER A 71 3.08 -23.61 5.83
N PHE A 72 3.67 -24.65 5.26
CA PHE A 72 3.98 -25.85 6.05
C PHE A 72 5.45 -26.01 6.39
N SER A 73 6.31 -25.21 5.77
CA SER A 73 7.76 -25.44 5.86
C SER A 73 8.39 -24.82 7.12
N MET A 74 9.68 -25.07 7.27
CA MET A 74 10.51 -24.54 8.34
C MET A 74 10.33 -23.05 8.62
N VAL A 75 10.14 -22.26 7.56
CA VAL A 75 9.95 -20.82 7.68
C VAL A 75 8.51 -20.43 7.37
N GLY A 76 7.63 -21.43 7.30
CA GLY A 76 6.22 -21.25 6.97
C GLY A 76 5.45 -20.62 8.12
N ILE A 77 4.21 -20.24 7.85
CA ILE A 77 3.41 -19.45 8.80
C ILE A 77 3.14 -20.23 10.10
N ARG A 78 2.82 -21.51 9.96
CA ARG A 78 2.56 -22.37 11.10
C ARG A 78 3.75 -22.44 12.10
N ASN A 79 4.98 -22.55 11.58
CA ASN A 79 6.17 -22.47 12.44
C ASN A 79 6.44 -21.05 12.91
N THR A 80 6.31 -20.07 12.01
CA THR A 80 6.49 -18.64 12.37
C THR A 80 5.59 -18.17 13.52
N ILE A 81 4.30 -18.50 13.47
CA ILE A 81 3.37 -18.18 14.55
C ILE A 81 3.89 -18.73 15.88
N ARG A 82 4.27 -20.00 15.91
CA ARG A 82 4.81 -20.59 17.13
C ARG A 82 6.16 -20.01 17.52
N PHE A 83 7.01 -19.69 16.55
CA PHE A 83 8.26 -19.00 16.84
C PHE A 83 8.02 -17.62 17.47
N MET A 84 6.98 -16.92 17.03
CA MET A 84 6.67 -15.59 17.58
C MET A 84 6.08 -15.66 18.99
N HIS A 85 5.14 -16.59 19.21
CA HIS A 85 4.64 -16.88 20.57
C HIS A 85 5.76 -17.25 21.53
N GLU A 86 6.75 -17.98 21.03
CA GLU A 86 7.89 -18.44 21.83
C GLU A 86 8.85 -17.32 22.26
N MET A 87 9.11 -16.39 21.35
CA MET A 87 10.04 -15.29 21.62
C MET A 87 9.43 -14.27 22.60
N THR A 88 8.12 -14.08 22.48
CA THR A 88 7.35 -13.28 23.43
C THR A 88 7.49 -13.89 24.81
N ALA A 89 7.32 -15.21 24.88
CA ALA A 89 7.48 -15.99 26.10
C ALA A 89 8.90 -15.96 26.66
N LYS A 90 9.89 -16.22 25.81
CA LYS A 90 11.29 -16.28 26.23
C LYS A 90 11.91 -14.90 26.44
N ALA A 91 11.09 -13.87 26.35
CA ALA A 91 11.53 -12.50 26.59
C ALA A 91 10.75 -11.90 27.76
N GLY A 92 9.79 -12.69 28.27
CA GLY A 92 8.99 -12.35 29.44
C GLY A 92 7.98 -11.26 29.14
N LEU A 93 7.71 -11.05 27.85
CA LEU A 93 6.85 -9.98 27.37
C LEU A 93 5.38 -10.38 27.46
N ASP A 94 4.50 -9.39 27.50
CA ASP A 94 3.07 -9.63 27.67
C ASP A 94 2.27 -9.34 26.40
N TYR A 95 1.20 -10.09 26.17
CA TYR A 95 0.22 -9.86 25.11
C TYR A 95 -0.63 -8.57 25.35
N PRO A 96 -1.17 -7.94 24.28
CA PRO A 96 -1.01 -8.26 22.85
C PRO A 96 0.36 -7.88 22.35
N ARG A 97 0.82 -8.60 21.33
CA ARG A 97 2.03 -8.28 20.61
C ARG A 97 1.66 -8.32 19.13
N VAL A 98 2.14 -7.35 18.35
CA VAL A 98 1.99 -7.43 16.90
C VAL A 98 3.35 -7.60 16.24
N PHE A 99 3.50 -8.70 15.50
CA PHE A 99 4.72 -8.92 14.72
C PHE A 99 4.42 -8.74 13.24
N GLN A 100 5.41 -8.29 12.47
CA GLN A 100 5.26 -8.08 11.02
C GLN A 100 6.50 -8.58 10.27
N ILE A 101 6.29 -9.11 9.06
N ILE A 101 6.29 -9.15 9.09
CA ILE A 101 7.37 -9.70 8.26
CA ILE A 101 7.40 -9.64 8.27
C ILE A 101 7.29 -9.19 6.83
C ILE A 101 7.24 -9.04 6.90
N HIS A 102 8.34 -8.54 6.36
CA HIS A 102 8.37 -8.02 5.00
C HIS A 102 9.54 -8.66 4.29
N THR A 103 9.23 -9.39 3.21
CA THR A 103 10.20 -10.08 2.40
C THR A 103 10.09 -9.57 0.94
N GLY A 104 11.20 -9.60 0.20
CA GLY A 104 11.20 -9.24 -1.21
C GLY A 104 12.26 -9.93 -2.03
N CYS A 105 11.98 -10.06 -3.33
CA CYS A 105 12.92 -10.59 -4.32
C CYS A 105 12.69 -9.80 -5.62
N LYS A 106 13.71 -9.05 -6.04
CA LYS A 106 13.69 -8.32 -7.30
C LYS A 106 14.67 -8.97 -8.27
N LEU A 107 14.26 -9.12 -9.54
CA LEU A 107 15.18 -9.56 -10.62
C LEU A 107 15.47 -8.45 -11.62
N TYR A 108 16.70 -7.95 -11.60
CA TYR A 108 17.19 -6.99 -12.59
C TYR A 108 17.55 -7.75 -13.86
N THR A 109 17.30 -7.15 -15.02
CA THR A 109 17.60 -7.83 -16.28
C THR A 109 19.08 -7.73 -16.68
N ASN A 110 19.96 -7.61 -15.68
CA ASN A 110 21.41 -7.76 -15.89
C ASN A 110 22.02 -8.93 -15.11
N GLY A 111 21.16 -9.69 -14.41
CA GLY A 111 21.57 -10.90 -13.71
C GLY A 111 21.39 -10.84 -12.19
N THR A 112 21.83 -9.73 -11.60
CA THR A 112 21.78 -9.53 -10.16
C THR A 112 20.37 -9.58 -9.54
N ARG A 113 20.31 -9.98 -8.27
CA ARG A 113 19.05 -10.01 -7.50
C ARG A 113 19.16 -9.17 -6.24
N TRP A 114 18.05 -8.53 -5.85
CA TRP A 114 17.96 -7.95 -4.52
C TRP A 114 16.96 -8.76 -3.71
N SER A 115 17.39 -9.30 -2.57
CA SER A 115 16.54 -10.09 -1.69
C SER A 115 16.68 -9.61 -0.25
N PHE A 116 15.58 -9.63 0.50
CA PHE A 116 15.61 -9.17 1.89
C PHE A 116 14.54 -9.85 2.75
N VAL A 117 14.83 -9.95 4.05
CA VAL A 117 13.83 -10.34 5.05
C VAL A 117 13.92 -9.41 6.24
N ASN A 118 12.82 -8.71 6.52
CA ASN A 118 12.72 -7.81 7.66
C ASN A 118 11.61 -8.21 8.65
N ILE A 119 11.94 -8.24 9.94
CA ILE A 119 10.93 -8.47 10.99
C ILE A 119 10.77 -7.22 11.87
N GLY A 120 9.52 -6.83 12.12
CA GLY A 120 9.21 -5.77 13.08
C GLY A 120 8.36 -6.24 14.25
N GLU A 121 8.42 -5.50 15.35
CA GLU A 121 7.53 -5.70 16.47
C GLU A 121 7.04 -4.34 16.93
N GLY A 122 5.75 -4.27 17.25
CA GLY A 122 5.12 -3.02 17.65
C GLY A 122 5.32 -1.89 16.64
N GLY A 123 5.46 -2.22 15.37
CA GLY A 123 5.52 -1.21 14.31
C GLY A 123 6.85 -0.50 14.15
N ARG A 124 7.91 -1.10 14.69
CA ARG A 124 9.26 -0.60 14.51
C ARG A 124 10.12 -1.80 14.11
N ASP A 125 11.27 -1.56 13.48
CA ASP A 125 12.19 -2.66 13.11
C ASP A 125 12.60 -3.44 14.34
N LEU A 126 12.82 -4.75 14.16
CA LEU A 126 13.22 -5.64 15.24
C LEU A 126 14.49 -6.44 14.91
N VAL A 127 14.49 -7.20 13.81
CA VAL A 127 15.69 -7.91 13.29
C VAL A 127 15.71 -7.96 11.75
N THR A 128 16.90 -7.99 11.16
CA THR A 128 16.98 -8.16 9.70
C THR A 128 17.89 -9.32 9.27
N TYR A 129 17.61 -9.91 8.12
CA TYR A 129 18.42 -11.03 7.62
C TYR A 129 19.43 -10.60 6.55
N GLU A 130 20.71 -10.78 6.89
CA GLU A 130 21.83 -10.47 6.00
C GLU A 130 22.24 -11.70 5.20
N LEU A 131 21.82 -11.76 3.93
CA LEU A 131 22.02 -12.95 3.09
C LEU A 131 23.49 -13.28 2.91
N SER A 132 24.30 -12.28 2.52
CA SER A 132 25.72 -12.47 2.23
C SER A 132 26.52 -12.94 3.45
N ARG A 133 26.21 -12.37 4.60
CA ARG A 133 26.89 -12.68 5.86
C ARG A 133 26.31 -13.90 6.59
N GLU A 134 25.30 -14.56 5.99
CA GLU A 134 24.65 -15.74 6.57
C GLU A 134 24.25 -15.49 8.03
N ARG A 135 23.61 -14.35 8.28
CA ARG A 135 23.40 -13.83 9.63
C ARG A 135 22.13 -12.98 9.76
N TRP A 136 21.44 -13.14 10.90
CA TRP A 136 20.36 -12.23 11.30
C TRP A 136 20.91 -11.12 12.21
N VAL A 137 20.57 -9.87 11.89
CA VAL A 137 21.14 -8.69 12.55
C VAL A 137 20.07 -7.92 13.36
N PRO A 138 20.38 -7.59 14.64
CA PRO A 138 19.47 -6.82 15.49
C PRO A 138 19.29 -5.37 15.01
N GLN A 139 18.04 -4.89 15.03
CA GLN A 139 17.70 -3.53 14.59
C GLN A 139 17.46 -2.57 15.75
N ARG A 140 17.13 -3.10 16.92
CA ARG A 140 17.02 -2.31 18.14
C ARG A 140 17.96 -2.92 19.17
N SER A 141 18.14 -2.26 20.32
CA SER A 141 19.15 -2.72 21.28
C SER A 141 18.64 -3.39 22.57
N THR A 142 17.48 -4.04 22.51
CA THR A 142 16.91 -4.74 23.68
C THR A 142 16.95 -6.29 23.60
N LEU A 143 16.37 -6.96 24.62
CA LEU A 143 16.40 -8.42 24.78
C LEU A 143 15.67 -9.18 23.67
N LEU A 144 14.44 -8.75 23.35
CA LEU A 144 13.65 -9.45 22.33
C LEU A 144 14.41 -9.46 21.01
N ALA A 145 15.10 -8.36 20.71
CA ALA A 145 15.94 -8.25 19.52
C ALA A 145 17.16 -9.16 19.59
N LYS A 146 17.76 -9.27 20.77
CA LYS A 146 18.96 -10.10 20.97
C LYS A 146 18.63 -11.59 20.91
N VAL A 147 17.49 -11.97 21.49
CA VAL A 147 17.03 -13.35 21.56
C VAL A 147 16.61 -13.88 20.18
N MET A 148 15.77 -13.13 19.47
CA MET A 148 15.29 -13.53 18.16
C MET A 148 16.41 -13.63 17.12
N SER A 149 17.39 -12.64 17.20
CA SER A 149 18.52 -12.58 16.27
C SER A 149 19.48 -13.76 16.48
N ASN A 150 19.67 -14.16 17.74
CA ASN A 150 20.61 -15.23 18.10
C ASN A 150 20.09 -16.64 17.77
N THR A 151 18.74 -16.81 18.12
CA THR A 151 18.06 -18.07 17.81
C THR A 151 18.03 -18.31 16.31
N LEU A 152 17.73 -17.26 15.54
CA LEU A 152 17.64 -17.38 14.09
C LEU A 152 18.99 -17.69 13.41
N THR A 153 20.05 -16.97 13.84
CA THR A 153 21.38 -17.17 13.26
C THR A 153 21.91 -18.55 13.60
N ASP A 154 21.67 -19.00 14.84
CA ASP A 154 22.08 -20.35 15.29
C ASP A 154 21.40 -21.44 14.50
N LEU A 155 20.15 -21.20 14.10
CA LEU A 155 19.43 -22.12 13.24
C LEU A 155 20.03 -22.11 11.83
N ARG A 156 21.10 -22.88 11.65
CA ARG A 156 21.87 -22.88 10.40
C ARG A 156 21.10 -23.46 9.23
N ALA A 157 20.19 -24.39 9.54
CA ALA A 157 19.27 -24.97 8.55
C ALA A 157 18.31 -23.92 7.96
N VAL A 158 17.86 -22.97 8.80
CA VAL A 158 16.98 -21.88 8.35
C VAL A 158 17.73 -20.98 7.39
N SER A 159 18.97 -20.66 7.73
CA SER A 159 19.85 -19.84 6.91
C SER A 159 20.05 -20.48 5.52
N GLY A 160 20.34 -21.79 5.52
CA GLY A 160 20.42 -22.56 4.29
C GLY A 160 19.12 -22.59 3.51
N PHE A 161 18.00 -22.77 4.22
CA PHE A 161 16.69 -22.82 3.58
C PHE A 161 16.34 -21.50 2.88
N LEU A 162 16.66 -20.39 3.53
CA LEU A 162 16.40 -19.06 2.98
C LEU A 162 17.25 -18.78 1.75
N GLU A 163 18.50 -19.23 1.77
CA GLU A 163 19.38 -19.10 0.61
C GLU A 163 18.75 -19.71 -0.65
N HIS A 164 18.33 -21.01 -0.52
CA HIS A 164 17.64 -21.69 -1.62
C HIS A 164 16.39 -20.95 -2.10
N ILE A 165 15.61 -20.45 -1.15
CA ILE A 165 14.37 -19.75 -1.41
C ILE A 165 14.62 -18.57 -2.35
N PHE A 166 15.59 -17.73 -1.98
CA PHE A 166 15.86 -16.49 -2.70
C PHE A 166 16.69 -16.66 -3.96
N SER A 167 17.44 -17.76 -4.05
CA SER A 167 18.30 -18.05 -5.21
C SER A 167 17.60 -18.88 -6.29
N SER A 168 16.65 -19.70 -5.87
CA SER A 168 16.06 -20.68 -6.77
C SER A 168 14.55 -20.58 -6.81
N SER A 169 13.92 -20.68 -5.66
CA SER A 169 12.47 -20.82 -5.59
C SER A 169 11.73 -19.58 -6.05
N PHE A 170 12.05 -18.44 -5.46
CA PHE A 170 11.36 -17.18 -5.81
C PHE A 170 11.66 -16.66 -7.23
N PRO A 171 12.95 -16.68 -7.67
CA PRO A 171 13.28 -16.34 -9.06
C PRO A 171 12.56 -17.13 -10.17
N ASN A 172 12.53 -18.47 -10.06
CA ASN A 172 11.72 -19.30 -10.96
C ASN A 172 10.23 -18.94 -10.97
N TYR A 173 9.67 -18.65 -9.80
CA TYR A 173 8.28 -18.26 -9.62
C TYR A 173 7.92 -16.93 -10.32
N ILE A 174 8.74 -15.91 -10.11
CA ILE A 174 8.59 -14.60 -10.76
C ILE A 174 8.52 -14.77 -12.30
N LEU A 175 9.47 -15.56 -12.81
CA LEU A 175 9.63 -15.81 -14.23
C LEU A 175 8.38 -16.45 -14.84
N MET A 176 7.86 -17.47 -14.18
CA MET A 176 6.64 -18.14 -14.61
C MET A 176 5.42 -17.20 -14.51
N LEU A 177 5.36 -16.39 -13.45
CA LEU A 177 4.24 -15.47 -13.23
C LEU A 177 4.26 -14.35 -14.26
N HIS A 178 5.46 -13.88 -14.55
CA HIS A 178 5.69 -12.83 -15.53
C HIS A 178 5.16 -13.26 -16.91
N GLU A 179 5.44 -14.50 -17.31
CA GLU A 179 5.00 -15.08 -18.58
C GLU A 179 3.47 -15.28 -18.71
N GLU A 180 2.79 -15.48 -17.60
CA GLU A 180 1.36 -15.84 -17.52
C GLU A 180 0.48 -14.63 -17.19
N GLY A 181 1.08 -13.62 -16.58
CA GLY A 181 0.29 -12.57 -15.97
C GLY A 181 0.30 -11.23 -16.65
N ARG A 182 0.61 -11.21 -17.95
CA ARG A 182 0.74 -9.91 -18.64
C ARG A 182 -0.55 -9.11 -18.71
N THR A 183 -1.69 -9.80 -18.69
CA THR A 183 -3.02 -9.16 -18.70
C THR A 183 -3.17 -8.10 -17.58
N ASP A 184 -2.54 -8.36 -16.44
CA ASP A 184 -2.44 -7.39 -15.32
C ASP A 184 -1.11 -6.61 -15.29
N LEU A 185 -0.01 -7.33 -15.48
CA LEU A 185 1.32 -6.71 -15.42
C LEU A 185 1.64 -5.75 -16.59
N GLU A 186 1.08 -5.98 -17.79
CA GLU A 186 1.28 -5.01 -18.88
C GLU A 186 0.07 -4.14 -19.26
N ARG A 187 -0.91 -4.04 -18.39
CA ARG A 187 -2.08 -3.22 -18.60
C ARG A 187 -1.58 -1.78 -18.53
N ARG A 188 -2.14 -0.91 -19.37
CA ARG A 188 -1.81 0.53 -19.40
C ARG A 188 -3.12 1.27 -19.56
N VAL A 189 -3.41 2.17 -18.61
CA VAL A 189 -4.61 3.00 -18.69
C VAL A 189 -4.16 4.45 -18.50
N PRO A 190 -4.29 5.30 -19.55
CA PRO A 190 -3.81 6.70 -19.40
C PRO A 190 -4.61 7.55 -18.40
N PRO A 191 -3.96 8.57 -17.79
CA PRO A 191 -4.61 9.44 -16.84
C PRO A 191 -5.54 10.40 -17.52
N MET A 192 -6.50 10.95 -16.78
CA MET A 192 -7.25 12.10 -17.25
C MET A 192 -7.02 13.15 -16.19
N ALA A 193 -7.09 14.44 -16.54
CA ALA A 193 -6.76 15.49 -15.55
C ALA A 193 -7.71 16.69 -15.67
N VAL A 194 -7.92 17.35 -14.54
CA VAL A 194 -8.79 18.52 -14.49
C VAL A 194 -8.04 19.57 -13.67
N VAL A 195 -8.21 20.83 -14.07
CA VAL A 195 -7.59 21.97 -13.37
C VAL A 195 -8.68 22.94 -12.90
N PHE A 196 -8.65 23.34 -11.63
CA PHE A 196 -9.57 24.37 -11.14
C PHE A 196 -8.87 25.23 -10.07
N ALA A 197 -9.49 26.35 -9.69
CA ALA A 197 -8.91 27.27 -8.71
C ALA A 197 -9.78 27.41 -7.49
N ARG A 198 -9.13 27.50 -6.32
CA ARG A 198 -9.88 27.63 -5.06
C ARG A 198 -9.25 28.70 -4.18
N THR A 199 -9.97 29.17 -3.16
CA THR A 199 -9.42 30.16 -2.26
C THR A 199 -8.22 29.60 -1.48
N ALA A 200 -7.29 30.48 -1.12
CA ALA A 200 -6.20 30.17 -0.20
C ALA A 200 -5.86 31.40 0.65
N GLY A 201 -5.10 31.19 1.73
CA GLY A 201 -4.73 32.27 2.64
C GLY A 201 -3.74 33.26 2.03
N GLN A 202 -3.54 34.38 2.71
CA GLN A 202 -2.55 35.40 2.31
C GLN A 202 -2.84 36.03 0.93
N VAL A 203 -4.13 36.10 0.60
CA VAL A 203 -4.66 36.64 -0.68
C VAL A 203 -4.12 35.90 -1.91
N GLN A 204 -3.99 34.59 -1.77
CA GLN A 204 -3.53 33.76 -2.86
C GLN A 204 -4.64 32.86 -3.38
N LEU A 205 -4.42 32.28 -4.54
CA LEU A 205 -5.33 31.34 -5.15
C LEU A 205 -4.64 30.01 -5.08
N LEU A 206 -5.40 28.93 -4.89
CA LEU A 206 -4.85 27.61 -4.97
C LEU A 206 -5.24 27.01 -6.32
N LEU A 207 -4.26 26.73 -7.19
CA LEU A 207 -4.59 26.01 -8.40
C LEU A 207 -4.43 24.54 -8.11
N VAL A 208 -5.39 23.72 -8.56
CA VAL A 208 -5.42 22.27 -8.29
C VAL A 208 -5.44 21.54 -9.59
N CYS A 209 -4.54 20.57 -9.75
CA CYS A 209 -4.61 19.67 -10.89
C CYS A 209 -4.94 18.28 -10.31
N ARG A 210 -6.11 17.72 -10.63
CA ARG A 210 -6.49 16.43 -10.11
C ARG A 210 -6.32 15.43 -11.24
N VAL A 211 -5.48 14.41 -11.04
CA VAL A 211 -5.15 13.44 -12.10
C VAL A 211 -5.71 12.10 -11.66
N THR A 212 -6.52 11.46 -12.51
CA THR A 212 -7.25 10.27 -12.10
C THR A 212 -7.08 9.12 -13.12
N SER A 213 -7.45 7.91 -12.73
CA SER A 213 -7.72 6.80 -13.69
C SER A 213 -6.53 6.09 -14.25
N PHE A 214 -5.33 6.36 -13.74
CA PHE A 214 -4.14 5.88 -14.44
C PHE A 214 -3.48 4.60 -13.91
N TYR A 215 -2.89 3.85 -14.82
CA TYR A 215 -2.13 2.67 -14.39
C TYR A 215 -1.05 2.47 -15.46
N PRO A 216 0.19 2.15 -15.05
CA PRO A 216 0.74 1.85 -13.73
C PRO A 216 0.92 3.10 -12.84
N ARG A 217 1.44 2.89 -11.63
CA ARG A 217 1.50 3.92 -10.60
C ARG A 217 2.45 5.10 -10.86
N PRO A 218 3.68 4.85 -11.40
CA PRO A 218 4.60 5.99 -11.56
C PRO A 218 4.03 7.06 -12.48
N ILE A 219 4.23 8.32 -12.12
CA ILE A 219 3.69 9.46 -12.90
C ILE A 219 4.41 10.72 -12.46
N ALA A 220 4.50 11.72 -13.34
CA ALA A 220 5.05 12.98 -12.92
C ALA A 220 4.13 14.09 -13.39
N VAL A 221 3.74 14.94 -12.44
CA VAL A 221 2.82 16.04 -12.68
C VAL A 221 3.55 17.32 -12.32
N THR A 222 3.67 18.22 -13.30
CA THR A 222 4.35 19.49 -13.05
C THR A 222 3.43 20.66 -13.45
N TRP A 223 3.73 21.83 -12.89
CA TRP A 223 3.04 23.04 -13.23
C TRP A 223 3.89 23.81 -14.16
N LEU A 224 3.28 24.45 -15.14
CA LEU A 224 4.01 25.35 -16.04
C LEU A 224 3.50 26.78 -15.83
N ARG A 225 4.43 27.73 -15.71
CA ARG A 225 4.12 29.16 -15.60
C ARG A 225 4.66 29.79 -16.89
N ASP A 226 3.75 30.31 -17.70
CA ASP A 226 4.01 30.69 -19.10
C ASP A 226 4.66 29.62 -20.00
N GLY A 227 4.59 28.36 -19.58
CA GLY A 227 5.07 27.22 -20.38
C GLY A 227 6.41 26.69 -19.93
N ARG A 228 7.01 27.35 -18.93
CA ARG A 228 8.22 26.90 -18.26
C ARG A 228 7.89 26.21 -16.93
N GLU A 229 8.58 25.12 -16.61
CA GLU A 229 8.34 24.41 -15.35
C GLU A 229 8.55 25.25 -14.09
N VAL A 230 7.56 25.24 -13.21
CA VAL A 230 7.68 25.86 -11.90
C VAL A 230 8.58 24.97 -11.05
N PRO A 231 9.72 25.52 -10.59
CA PRO A 231 10.61 24.76 -9.71
C PRO A 231 9.94 24.54 -8.35
N PRO A 232 10.47 23.61 -7.53
CA PRO A 232 9.76 23.36 -6.28
C PRO A 232 10.07 24.46 -5.25
N SER A 233 9.02 24.89 -4.57
CA SER A 233 9.09 25.86 -3.50
C SER A 233 7.92 25.55 -2.56
N PRO A 234 7.82 26.26 -1.41
CA PRO A 234 6.63 26.16 -0.56
C PRO A 234 5.31 26.40 -1.31
N ALA A 235 5.36 27.12 -2.43
CA ALA A 235 4.19 27.39 -3.25
C ALA A 235 3.60 26.14 -3.91
N LEU A 236 4.45 25.12 -4.12
CA LEU A 236 4.07 23.96 -4.93
C LEU A 236 3.99 22.71 -4.05
N SER A 237 2.86 22.03 -4.10
CA SER A 237 2.73 20.77 -3.38
C SER A 237 2.18 19.70 -4.32
N THR A 238 2.92 18.60 -4.46
CA THR A 238 2.34 17.49 -5.18
C THR A 238 2.00 16.43 -4.15
N GLY A 239 0.76 15.96 -4.20
CA GLY A 239 0.26 15.04 -3.19
C GLY A 239 0.81 13.64 -3.40
N THR A 240 0.32 12.73 -2.56
CA THR A 240 0.71 11.35 -2.62
C THR A 240 -0.30 10.69 -3.55
N VAL A 241 0.13 9.60 -4.16
CA VAL A 241 -0.72 8.85 -5.07
C VAL A 241 -1.70 8.03 -4.23
N LEU A 242 -2.97 7.95 -4.67
CA LEU A 242 -4.02 7.29 -3.87
C LEU A 242 -4.57 6.16 -4.71
N PRO A 243 -4.92 5.03 -4.08
CA PRO A 243 -5.48 3.93 -4.88
C PRO A 243 -7.01 4.02 -5.08
N ASN A 244 -7.44 3.55 -6.24
CA ASN A 244 -8.84 3.22 -6.55
C ASN A 244 -9.07 1.70 -6.38
N ALA A 245 -10.31 1.26 -6.15
CA ALA A 245 -10.60 -0.17 -6.01
C ALA A 245 -10.25 -1.01 -7.24
N ASP A 246 -10.16 -0.37 -8.40
CA ASP A 246 -9.99 -1.10 -9.67
C ASP A 246 -8.55 -1.20 -10.14
N LEU A 247 -7.61 -1.11 -9.20
CA LEU A 247 -6.18 -1.02 -9.51
C LEU A 247 -5.91 0.07 -10.54
N THR A 248 -6.41 1.28 -10.28
CA THR A 248 -5.90 2.50 -10.94
C THR A 248 -5.52 3.49 -9.81
N TYR A 249 -4.95 4.64 -10.14
CA TYR A 249 -4.47 5.56 -9.11
C TYR A 249 -4.94 6.99 -9.40
N GLN A 250 -4.80 7.87 -8.41
CA GLN A 250 -5.21 9.27 -8.47
C GLN A 250 -4.18 10.11 -7.69
N LEU A 251 -4.00 11.36 -8.06
CA LEU A 251 -2.99 12.23 -7.43
C LEU A 251 -3.58 13.64 -7.59
N ARG A 252 -3.27 14.53 -6.65
CA ARG A 252 -3.62 15.93 -6.73
C ARG A 252 -2.31 16.72 -6.61
N SER A 253 -2.05 17.68 -7.51
CA SER A 253 -0.91 18.59 -7.35
C SER A 253 -1.47 20.00 -7.18
N THR A 254 -0.85 20.85 -6.36
CA THR A 254 -1.37 22.19 -6.18
C THR A 254 -0.28 23.21 -6.22
N LEU A 255 -0.64 24.42 -6.67
CA LEU A 255 0.28 25.55 -6.77
C LEU A 255 -0.40 26.79 -6.21
N LEU A 256 0.19 27.42 -5.19
CA LEU A 256 -0.27 28.75 -4.78
C LEU A 256 0.18 29.85 -5.74
N VAL A 257 -0.76 30.69 -6.17
CA VAL A 257 -0.45 31.83 -7.04
C VAL A 257 -1.13 33.09 -6.52
N SER A 258 -0.64 34.25 -6.93
CA SER A 258 -1.31 35.53 -6.67
C SER A 258 -2.39 35.74 -7.74
N PRO A 259 -3.56 36.26 -7.36
CA PRO A 259 -4.56 36.60 -8.38
C PRO A 259 -4.11 37.73 -9.32
N GLN A 260 -4.55 37.64 -10.57
CA GLN A 260 -4.24 38.63 -11.62
C GLN A 260 -2.74 38.94 -11.77
N ASP A 261 -1.90 37.90 -11.66
CA ASP A 261 -0.45 38.13 -11.70
C ASP A 261 0.13 38.30 -13.11
N GLY A 262 -0.66 37.97 -14.13
CA GLY A 262 -0.25 38.15 -15.52
C GLY A 262 0.53 36.98 -16.11
N HIS A 263 0.48 35.84 -15.41
CA HIS A 263 1.05 34.59 -15.88
C HIS A 263 -0.09 33.66 -16.30
N GLY A 264 0.17 32.83 -17.30
CA GLY A 264 -0.76 31.78 -17.66
C GLY A 264 -0.25 30.50 -17.02
N TYR A 265 -1.16 29.70 -16.47
CA TYR A 265 -0.79 28.43 -15.84
C TYR A 265 -1.40 27.19 -16.55
N ALA A 266 -0.68 26.06 -16.45
CA ALA A 266 -1.13 24.76 -16.93
C ALA A 266 -0.46 23.65 -16.14
N CYS A 267 -1.20 22.56 -15.91
CA CYS A 267 -0.71 21.30 -15.36
C CYS A 267 -0.25 20.39 -16.51
N ARG A 268 0.97 19.84 -16.42
CA ARG A 268 1.45 18.88 -17.38
C ARG A 268 1.69 17.53 -16.70
N VAL A 269 1.21 16.46 -17.34
CA VAL A 269 1.25 15.09 -16.78
C VAL A 269 2.03 14.21 -17.71
N GLN A 270 3.06 13.58 -17.17
CA GLN A 270 3.90 12.66 -17.92
C GLN A 270 3.59 11.28 -17.31
N HIS A 271 3.26 10.32 -18.18
CA HIS A 271 2.91 8.96 -17.77
C HIS A 271 3.33 8.04 -18.90
N CYS A 272 3.86 6.88 -18.57
CA CYS A 272 4.40 5.99 -19.58
C CYS A 272 3.33 5.51 -20.60
N SER A 273 2.06 5.47 -20.20
CA SER A 273 0.98 5.05 -21.13
C SER A 273 0.70 6.08 -22.24
N LEU A 274 1.25 7.29 -22.06
CA LEU A 274 1.04 8.38 -23.01
C LEU A 274 2.12 8.44 -24.07
N GLY A 275 3.20 7.70 -23.87
CA GLY A 275 4.35 7.77 -24.75
C GLY A 275 4.99 9.14 -24.70
N ASP A 276 5.31 9.68 -25.88
CA ASP A 276 6.00 10.96 -25.98
C ASP A 276 5.11 12.16 -25.81
N ARG A 277 3.80 11.95 -25.86
CA ARG A 277 2.85 13.03 -25.67
C ARG A 277 2.48 13.20 -24.20
N SER A 278 2.51 14.43 -23.71
CA SER A 278 2.05 14.72 -22.35
C SER A 278 0.57 14.98 -22.41
N LEU A 279 -0.03 14.96 -21.24
CA LEU A 279 -1.33 15.52 -21.03
C LEU A 279 -1.08 16.93 -20.53
N LEU A 280 -1.62 17.93 -21.24
CA LEU A 280 -1.44 19.32 -20.87
C LEU A 280 -2.81 20.00 -20.65
N VAL A 281 -3.02 20.52 -19.43
CA VAL A 281 -4.32 21.04 -19.00
C VAL A 281 -4.20 22.48 -18.48
N PRO A 282 -4.65 23.47 -19.28
CA PRO A 282 -4.56 24.89 -18.94
C PRO A 282 -5.48 25.25 -17.78
N TRP A 283 -5.09 26.26 -17.00
CA TRP A 283 -6.03 26.87 -16.08
C TRP A 283 -6.76 28.00 -16.80
N HIS A 284 -8.06 27.83 -16.97
CA HIS A 284 -8.89 28.86 -17.57
C HIS A 284 -9.78 29.49 -16.50
N HIS A 285 -9.95 30.81 -16.54
CA HIS A 285 -10.83 31.51 -15.58
C HIS A 285 -12.24 31.52 -16.15
N ILE B 1 5.07 1.69 18.55
CA ILE B 1 4.48 3.06 18.67
C ILE B 1 3.09 3.06 18.08
N GLN B 2 2.22 3.90 18.64
CA GLN B 2 0.91 4.15 18.08
C GLN B 2 1.01 5.26 17.05
N ARG B 3 0.23 5.11 15.98
CA ARG B 3 0.14 6.09 14.92
C ARG B 3 -1.32 6.21 14.61
N THR B 4 -1.79 7.44 14.55
CA THR B 4 -3.18 7.74 14.23
C THR B 4 -3.39 7.71 12.71
N PRO B 5 -4.57 7.23 12.24
CA PRO B 5 -4.80 7.17 10.79
C PRO B 5 -4.90 8.54 10.09
N LYS B 6 -4.28 8.65 8.91
CA LYS B 6 -4.62 9.66 7.93
C LYS B 6 -5.87 9.16 7.22
N ILE B 7 -6.81 10.04 6.93
CA ILE B 7 -8.10 9.65 6.37
C ILE B 7 -8.34 10.56 5.17
N GLN B 8 -8.45 9.99 3.97
CA GLN B 8 -8.63 10.77 2.74
C GLN B 8 -9.87 10.24 2.08
N VAL B 9 -10.80 11.15 1.72
CA VAL B 9 -12.07 10.77 1.13
C VAL B 9 -12.16 11.40 -0.25
N TYR B 10 -12.44 10.60 -1.27
CA TYR B 10 -12.39 11.05 -2.66
C TYR B 10 -13.26 10.17 -3.50
N SER B 11 -13.65 10.65 -4.68
CA SER B 11 -14.43 9.86 -5.59
C SER B 11 -13.49 9.28 -6.64
N ARG B 12 -13.94 8.24 -7.32
CA ARG B 12 -13.14 7.63 -8.42
C ARG B 12 -12.93 8.59 -9.61
N HIS B 13 -14.04 9.20 -10.06
CA HIS B 13 -14.03 10.17 -11.17
C HIS B 13 -14.52 11.50 -10.60
N PRO B 14 -14.12 12.62 -11.22
CA PRO B 14 -14.72 13.91 -10.87
C PRO B 14 -16.24 13.80 -10.96
N ALA B 15 -16.91 14.29 -9.93
CA ALA B 15 -18.32 14.09 -9.66
C ALA B 15 -19.24 14.91 -10.53
N GLU B 16 -20.40 14.31 -10.81
CA GLU B 16 -21.45 14.93 -11.61
C GLU B 16 -22.73 14.36 -11.02
N ASN B 17 -23.63 15.24 -10.58
CA ASN B 17 -24.90 14.83 -9.99
C ASN B 17 -25.66 13.89 -10.90
N GLY B 18 -26.12 12.78 -10.36
CA GLY B 18 -26.89 11.85 -11.18
C GLY B 18 -26.11 10.79 -11.97
N LYS B 19 -24.79 10.80 -11.88
CA LYS B 19 -24.01 9.82 -12.63
C LYS B 19 -23.26 8.97 -11.62
N SER B 20 -23.26 7.65 -11.84
CA SER B 20 -22.66 6.76 -10.85
C SER B 20 -21.15 6.85 -10.81
N ASN B 21 -20.62 6.62 -9.61
CA ASN B 21 -19.24 6.88 -9.32
C ASN B 21 -18.88 5.89 -8.19
N PHE B 22 -17.68 6.03 -7.64
CA PHE B 22 -17.30 5.32 -6.44
C PHE B 22 -16.81 6.30 -5.41
N LEU B 23 -17.27 6.13 -4.19
CA LEU B 23 -16.77 6.86 -3.05
C LEU B 23 -15.71 6.02 -2.35
N ASN B 24 -14.59 6.66 -2.04
CA ASN B 24 -13.44 5.97 -1.48
C ASN B 24 -13.07 6.60 -0.14
N CYS B 25 -12.77 5.77 0.84
CA CYS B 25 -12.10 6.25 2.04
C CYS B 25 -10.80 5.47 2.27
N TYR B 26 -9.69 6.18 2.11
CA TYR B 26 -8.42 5.60 2.27
C TYR B 26 -7.82 5.97 3.63
N VAL B 27 -7.64 4.96 4.48
CA VAL B 27 -7.09 5.17 5.82
C VAL B 27 -5.71 4.57 5.86
N SER B 28 -4.72 5.34 6.31
CA SER B 28 -3.34 4.92 6.18
C SER B 28 -2.50 5.44 7.33
N GLY B 29 -1.29 4.92 7.44
CA GLY B 29 -0.36 5.42 8.44
C GLY B 29 -0.72 5.09 9.88
N PHE B 30 -1.59 4.12 10.10
CA PHE B 30 -2.01 3.78 11.47
C PHE B 30 -1.35 2.52 12.04
N HIS B 31 -1.23 2.50 13.37
CA HIS B 31 -0.73 1.34 14.11
C HIS B 31 -1.32 1.50 15.51
N PRO B 32 -1.88 0.43 16.09
CA PRO B 32 -2.01 -0.94 15.59
C PRO B 32 -3.09 -1.09 14.50
N SER B 33 -3.36 -2.31 14.06
CA SER B 33 -4.18 -2.56 12.86
C SER B 33 -5.67 -2.57 13.08
N ASP B 34 -6.15 -2.76 14.30
CA ASP B 34 -7.60 -2.77 14.49
C ASP B 34 -8.17 -1.39 14.14
N ILE B 35 -9.18 -1.38 13.28
CA ILE B 35 -9.74 -0.12 12.86
C ILE B 35 -11.18 -0.37 12.44
N GLU B 36 -12.05 0.62 12.62
CA GLU B 36 -13.40 0.53 12.13
C GLU B 36 -13.67 1.72 11.23
N VAL B 37 -14.16 1.47 10.01
CA VAL B 37 -14.43 2.52 9.04
C VAL B 37 -15.84 2.33 8.50
N ASP B 38 -16.67 3.39 8.58
CA ASP B 38 -17.99 3.36 7.92
C ASP B 38 -18.06 4.49 6.92
N LEU B 39 -18.79 4.30 5.82
CA LEU B 39 -19.08 5.40 4.90
C LEU B 39 -20.51 5.79 5.19
N LEU B 40 -20.79 7.09 5.20
CA LEU B 40 -22.08 7.65 5.67
C LEU B 40 -22.74 8.43 4.54
N LYS B 41 -24.06 8.39 4.49
CA LYS B 41 -24.81 9.19 3.55
C LYS B 41 -25.81 9.93 4.44
N ASN B 42 -25.74 11.27 4.44
CA ASN B 42 -26.64 12.07 5.23
C ASN B 42 -26.64 11.54 6.65
N GLY B 43 -25.45 11.22 7.12
CA GLY B 43 -25.25 10.84 8.53
C GLY B 43 -25.40 9.37 8.90
N GLU B 44 -25.97 8.57 7.98
CA GLU B 44 -26.25 7.16 8.25
C GLU B 44 -25.32 6.22 7.51
N ARG B 45 -24.84 5.21 8.22
CA ARG B 45 -23.99 4.14 7.69
C ARG B 45 -24.51 3.57 6.36
N ILE B 46 -23.66 3.50 5.35
CA ILE B 46 -24.04 2.83 4.11
C ILE B 46 -23.81 1.31 4.32
N GLU B 47 -24.76 0.49 3.86
CA GLU B 47 -24.73 -0.96 4.07
C GLU B 47 -23.73 -1.75 3.21
N LYS B 48 -23.66 -1.42 1.93
CA LYS B 48 -22.83 -2.22 1.03
C LYS B 48 -21.53 -1.48 0.80
N VAL B 49 -20.55 -1.79 1.64
CA VAL B 49 -19.26 -1.12 1.55
C VAL B 49 -18.18 -2.18 1.51
N GLU B 50 -17.29 -2.11 0.52
CA GLU B 50 -16.26 -3.12 0.38
C GLU B 50 -14.95 -2.55 0.92
N HIS B 51 -13.96 -3.39 1.11
CA HIS B 51 -12.66 -2.85 1.46
C HIS B 51 -11.54 -3.75 0.97
N SER B 52 -10.32 -3.22 0.93
CA SER B 52 -9.20 -3.98 0.40
C SER B 52 -8.66 -4.86 1.52
N ASP B 53 -7.71 -5.70 1.20
CA ASP B 53 -7.04 -6.50 2.24
C ASP B 53 -6.06 -5.64 3.04
N LEU B 54 -6.09 -5.71 4.37
CA LEU B 54 -5.14 -4.94 5.20
C LEU B 54 -3.73 -5.23 4.75
N SER B 55 -2.94 -4.22 4.44
CA SER B 55 -1.50 -4.47 4.34
C SER B 55 -0.76 -3.34 5.02
N PHE B 56 0.54 -3.23 4.76
CA PHE B 56 1.32 -2.22 5.44
C PHE B 56 2.46 -1.71 4.57
N SER B 57 2.93 -0.53 4.93
CA SER B 57 3.99 0.14 4.19
C SER B 57 5.36 -0.13 4.79
N LYS B 58 6.39 0.39 4.12
CA LYS B 58 7.77 0.23 4.54
C LYS B 58 8.02 0.68 5.98
N ASP B 59 7.27 1.66 6.48
CA ASP B 59 7.47 2.10 7.87
C ASP B 59 6.65 1.27 8.87
N TRP B 60 6.10 0.14 8.39
CA TRP B 60 5.29 -0.80 9.20
C TRP B 60 3.88 -0.36 9.47
N SER B 61 3.51 0.84 9.02
CA SER B 61 2.20 1.35 9.33
C SER B 61 1.17 0.80 8.36
N PHE B 62 -0.07 0.62 8.82
CA PHE B 62 -1.08 -0.11 8.02
C PHE B 62 -1.85 0.82 7.10
N TYR B 63 -2.44 0.26 6.03
CA TYR B 63 -3.37 1.01 5.20
C TYR B 63 -4.49 0.12 4.72
N LEU B 64 -5.64 0.72 4.47
CA LEU B 64 -6.87 0.06 3.98
C LEU B 64 -7.64 1.04 3.10
N LEU B 65 -8.26 0.54 2.03
CA LEU B 65 -9.17 1.33 1.21
C LEU B 65 -10.59 0.78 1.42
N TYR B 66 -11.50 1.63 1.85
CA TYR B 66 -12.92 1.29 1.86
C TYR B 66 -13.62 2.00 0.69
N TYR B 67 -14.61 1.36 0.10
CA TYR B 67 -15.25 1.95 -1.05
C TYR B 67 -16.64 1.44 -1.31
N THR B 68 -17.40 2.23 -2.09
CA THR B 68 -18.80 1.92 -2.38
C THR B 68 -19.20 2.66 -3.66
N GLU B 69 -20.00 2.01 -4.47
CA GLU B 69 -20.62 2.62 -5.64
C GLU B 69 -21.65 3.61 -5.13
N PHE B 70 -21.66 4.83 -5.67
CA PHE B 70 -22.69 5.78 -5.30
C PHE B 70 -23.06 6.68 -6.46
N THR B 71 -24.22 7.31 -6.36
CA THR B 71 -24.67 8.34 -7.29
C THR B 71 -24.85 9.63 -6.48
N PRO B 72 -23.91 10.58 -6.66
CA PRO B 72 -24.00 11.87 -5.98
C PRO B 72 -25.26 12.63 -6.40
N THR B 73 -25.81 13.42 -5.48
CA THR B 73 -26.99 14.27 -5.72
C THR B 73 -26.74 15.58 -5.00
N GLU B 74 -27.39 16.66 -5.43
CA GLU B 74 -27.18 17.98 -4.82
C GLU B 74 -27.52 18.00 -3.34
N LYS B 75 -28.50 17.19 -2.94
CA LYS B 75 -29.04 17.25 -1.60
C LYS B 75 -28.31 16.35 -0.59
N ASP B 76 -27.48 15.44 -1.06
CA ASP B 76 -26.92 14.41 -0.20
C ASP B 76 -25.51 14.72 0.22
N GLU B 77 -25.19 14.44 1.49
CA GLU B 77 -23.85 14.62 2.05
C GLU B 77 -23.21 13.25 2.26
N TYR B 78 -21.92 13.07 1.93
CA TYR B 78 -21.24 11.78 2.15
C TYR B 78 -20.05 12.05 3.06
N ALA B 79 -19.62 11.02 3.79
CA ALA B 79 -18.56 11.17 4.79
C ALA B 79 -17.98 9.80 5.12
N CYS B 80 -16.83 9.80 5.78
CA CYS B 80 -16.16 8.58 6.22
C CYS B 80 -15.98 8.73 7.73
N ARG B 81 -16.33 7.69 8.50
CA ARG B 81 -16.20 7.72 9.96
C ARG B 81 -15.23 6.64 10.36
N VAL B 82 -14.21 7.02 11.13
CA VAL B 82 -13.10 6.13 11.49
C VAL B 82 -12.96 6.03 12.99
N ASN B 83 -12.91 4.82 13.52
CA ASN B 83 -12.49 4.66 14.93
C ASN B 83 -11.21 3.84 15.08
N HIS B 84 -10.36 4.28 16.00
CA HIS B 84 -9.03 3.70 16.20
C HIS B 84 -8.61 4.03 17.64
N VAL B 85 -7.81 3.16 18.24
CA VAL B 85 -7.46 3.30 19.65
C VAL B 85 -6.77 4.65 19.95
N THR B 86 -6.16 5.26 18.94
CA THR B 86 -5.55 6.59 19.11
C THR B 86 -6.56 7.77 19.13
N LEU B 87 -7.83 7.49 18.82
CA LEU B 87 -8.85 8.54 18.74
C LEU B 87 -9.73 8.41 20.00
N SER B 88 -10.08 9.53 20.62
CA SER B 88 -10.98 9.50 21.77
C SER B 88 -12.44 9.32 21.33
N GLN B 89 -12.72 9.85 20.14
CA GLN B 89 -14.03 9.70 19.53
C GLN B 89 -13.84 9.43 18.05
N PRO B 90 -14.85 8.83 17.40
CA PRO B 90 -14.70 8.62 15.97
C PRO B 90 -14.42 9.94 15.27
N LYS B 91 -13.52 9.90 14.31
CA LYS B 91 -13.20 11.02 13.41
C LYS B 91 -14.09 10.94 12.18
N ILE B 92 -14.79 12.02 11.87
CA ILE B 92 -15.64 12.08 10.67
C ILE B 92 -14.99 13.03 9.67
N VAL B 93 -14.81 12.57 8.45
CA VAL B 93 -14.28 13.37 7.35
C VAL B 93 -15.32 13.43 6.24
N LYS B 94 -15.86 14.61 5.98
CA LYS B 94 -16.89 14.79 4.96
C LYS B 94 -16.28 14.73 3.56
N TRP B 95 -17.01 14.24 2.56
CA TRP B 95 -16.43 14.22 1.21
C TRP B 95 -16.49 15.65 0.64
N ASP B 96 -15.33 16.18 0.23
CA ASP B 96 -15.23 17.41 -0.54
C ASP B 96 -15.33 17.01 -2.01
N ARG B 97 -16.38 17.47 -2.69
CA ARG B 97 -16.64 17.09 -4.09
C ARG B 97 -15.52 17.42 -5.06
N ASP B 98 -14.59 18.31 -4.63
CA ASP B 98 -13.37 18.65 -5.38
C ASP B 98 -12.39 17.48 -5.39
N MET B 99 -12.71 16.46 -4.57
CA MET B 99 -11.81 15.33 -4.30
C MET B 99 -12.41 14.00 -4.81
#